data_8QQC
#
_entry.id   8QQC
#
_cell.length_a   103.102
_cell.length_b   103.102
_cell.length_c   103.102
_cell.angle_alpha   90.000
_cell.angle_beta   90.000
_cell.angle_gamma   90.000
#
_symmetry.space_group_name_H-M   'I 2 3'
#
loop_
_entity.id
_entity.type
_entity.pdbx_description
1 polymer Polyhedrin
2 non-polymer "GUANOSINE-5'-TRIPHOSPHATE"
3 non-polymer 'MAGNESIUM ION'
4 water water
#
_entity_poly.entity_id   1
_entity_poly.type   'polypeptide(L)'
_entity_poly.pdbx_seq_one_letter_code
;MENSARQVAQDTRELHLLQHIKSDQSYIYVFVFLYYRDHSVRVWKLTNPVSISETLDYDDLINNVNRCKSAREPAIYYRE
GITGNDAGDSIIDKAYCEPVSFMIVACGDVDIQTIEVNIQGYDEIEGVGILDSNVTPPYAITATKFERKTSGGYIFYTYC
GLFGHGDRGHPTMAVGVEKKNRNAFGRMHPMYVAANYKRRNFWAKKDWWFPTEGQMVEQFIKQQSIPYVTADNVMIAPCV
REIRHHAHY
;
_entity_poly.pdbx_strand_id   A
#
loop_
_chem_comp.id
_chem_comp.type
_chem_comp.name
_chem_comp.formula
GTP non-polymer GUANOSINE-5'-TRIPHOSPHATE 'C10 H16 N5 O14 P3'
MG non-polymer 'MAGNESIUM ION' 'Mg 2'
#
# COMPACT_ATOMS: atom_id res chain seq x y z
N MET A 1 -9.31 -10.57 40.07
CA MET A 1 -9.00 -9.38 39.28
C MET A 1 -9.20 -9.65 37.79
N GLU A 2 -8.99 -10.91 37.38
CA GLU A 2 -9.13 -11.23 35.96
C GLU A 2 -10.56 -11.03 35.48
N ASN A 3 -11.55 -11.23 36.36
CA ASN A 3 -12.94 -11.03 35.97
C ASN A 3 -13.53 -9.73 36.51
N SER A 4 -12.70 -8.81 36.99
CA SER A 4 -13.20 -7.48 37.34
C SER A 4 -13.82 -6.82 36.11
N ALA A 5 -14.90 -6.08 36.33
CA ALA A 5 -15.58 -5.41 35.23
C ALA A 5 -14.64 -4.46 34.49
N ARG A 6 -13.68 -3.86 35.21
CA ARG A 6 -12.69 -3.03 34.54
C ARG A 6 -11.88 -3.82 33.54
N GLN A 7 -11.44 -5.03 33.93
CA GLN A 7 -10.73 -5.88 32.97
C GLN A 7 -11.63 -6.25 31.79
N VAL A 8 -12.90 -6.55 32.06
CA VAL A 8 -13.81 -6.88 30.96
C VAL A 8 -14.02 -5.68 30.04
N ALA A 9 -13.96 -4.46 30.59
CA ALA A 9 -13.93 -3.29 29.73
C ALA A 9 -12.71 -3.30 28.82
N GLN A 10 -11.55 -3.67 29.37
CA GLN A 10 -10.36 -3.84 28.53
C GLN A 10 -10.59 -4.94 27.49
N ASP A 11 -11.19 -6.05 27.91
CA ASP A 11 -11.51 -7.13 26.97
C ASP A 11 -12.39 -6.63 25.84
N THR A 12 -13.43 -5.84 26.18
CA THR A 12 -14.32 -5.27 25.17
C THR A 12 -13.53 -4.44 24.17
N ARG A 13 -12.59 -3.63 24.65
CA ARG A 13 -11.77 -2.82 23.76
C ARG A 13 -11.01 -3.69 22.77
N GLU A 14 -10.41 -4.78 23.25
CA GLU A 14 -9.58 -5.58 22.36
C GLU A 14 -10.41 -6.47 21.44
N LEU A 15 -11.53 -7.00 21.92
CA LEU A 15 -12.46 -7.66 21.01
C LEU A 15 -12.94 -6.70 19.94
N HIS A 16 -13.24 -5.46 20.34
CA HIS A 16 -13.61 -4.44 19.37
C HIS A 16 -12.53 -4.25 18.31
N LEU A 17 -11.27 -4.14 18.74
CA LEU A 17 -10.18 -3.91 17.79
C LEU A 17 -10.10 -5.03 16.74
N LEU A 18 -10.20 -6.28 17.18
CA LEU A 18 -10.12 -7.38 16.21
C LEU A 18 -11.36 -7.44 15.33
N GLN A 19 -12.54 -7.26 15.92
CA GLN A 19 -13.77 -7.35 15.12
C GLN A 19 -13.94 -6.12 14.24
N HIS A 20 -13.37 -4.99 14.63
CA HIS A 20 -13.48 -3.79 13.81
C HIS A 20 -12.89 -4.01 12.43
N ILE A 21 -11.82 -4.82 12.34
CA ILE A 21 -11.21 -5.13 11.05
C ILE A 21 -12.26 -5.66 10.08
N LYS A 22 -13.02 -6.67 10.51
CA LYS A 22 -14.00 -7.29 9.63
C LYS A 22 -15.27 -6.45 9.48
N SER A 23 -15.52 -5.52 10.40
CA SER A 23 -16.72 -4.71 10.35
C SER A 23 -16.71 -3.78 9.15
N ASP A 24 -17.91 -3.40 8.72
CA ASP A 24 -18.04 -2.38 7.67
C ASP A 24 -17.59 -1.01 8.14
N GLN A 25 -17.35 -0.83 9.45
CA GLN A 25 -17.00 0.49 9.97
C GLN A 25 -15.52 0.82 9.87
N SER A 26 -14.69 -0.08 9.35
CA SER A 26 -13.27 0.16 9.24
C SER A 26 -12.87 0.45 7.80
N TYR A 27 -11.69 1.03 7.64
CA TYR A 27 -11.09 1.24 6.33
C TYR A 27 -10.17 0.07 5.99
N ILE A 28 -9.98 -0.14 4.69
CA ILE A 28 -8.83 -0.91 4.20
C ILE A 28 -7.74 0.06 3.78
N TYR A 29 -6.50 -0.40 3.81
CA TYR A 29 -5.35 0.44 3.51
C TYR A 29 -4.35 -0.29 2.63
N VAL A 30 -3.74 0.46 1.72
CA VAL A 30 -2.47 0.09 1.11
C VAL A 30 -1.53 1.25 1.34
N PHE A 31 -0.40 0.99 2.00
CA PHE A 31 0.66 1.98 2.13
C PHE A 31 1.77 1.63 1.17
N VAL A 32 2.21 2.60 0.39
CA VAL A 32 3.33 2.42 -0.54
C VAL A 32 4.51 3.21 0.01
N PHE A 33 5.56 2.50 0.38
CA PHE A 33 6.79 3.11 0.88
C PHE A 33 7.82 3.13 -0.24
N LEU A 34 8.44 4.29 -0.45
CA LEU A 34 9.43 4.48 -1.50
C LEU A 34 10.73 4.91 -0.86
N TYR A 35 11.80 4.15 -1.12
CA TYR A 35 13.08 4.34 -0.46
C TYR A 35 14.08 4.89 -1.46
N TYR A 36 14.74 5.98 -1.09
CA TYR A 36 15.64 6.69 -1.97
C TYR A 36 17.09 6.48 -1.54
N ARG A 37 18.00 6.76 -2.48
CA ARG A 37 19.42 6.59 -2.19
C ARG A 37 19.88 7.47 -1.04
N ASP A 38 19.20 8.59 -0.81
CA ASP A 38 19.54 9.46 0.32
C ASP A 38 19.06 8.92 1.66
N HIS A 39 18.48 7.73 1.68
CA HIS A 39 17.94 7.03 2.86
C HIS A 39 16.60 7.59 3.31
N SER A 40 16.03 8.57 2.61
CA SER A 40 14.73 9.09 2.98
C SER A 40 13.61 8.20 2.43
N VAL A 41 12.40 8.44 2.92
CA VAL A 41 11.24 7.62 2.56
C VAL A 41 10.08 8.54 2.22
N ARG A 42 9.46 8.31 1.07
CA ARG A 42 8.18 8.90 0.73
C ARG A 42 7.11 7.83 0.87
N VAL A 43 6.00 8.19 1.50
CA VAL A 43 4.97 7.24 1.90
C VAL A 43 3.65 7.71 1.31
N TRP A 44 2.91 6.80 0.67
CA TRP A 44 1.55 7.06 0.22
C TRP A 44 0.57 6.21 1.00
N LYS A 45 -0.46 6.85 1.55
CA LYS A 45 -1.63 6.17 2.11
C LYS A 45 -2.70 6.10 1.03
N LEU A 46 -3.10 4.88 0.69
CA LEU A 46 -4.28 4.62 -0.14
C LEU A 46 -5.32 3.97 0.77
N THR A 47 -6.56 4.45 0.70
CA THR A 47 -7.54 3.99 1.70
C THR A 47 -8.95 4.21 1.18
N ASN A 48 -9.86 3.37 1.65
CA ASN A 48 -11.25 3.40 1.26
C ASN A 48 -12.02 2.47 2.17
N PRO A 49 -13.32 2.71 2.35
CA PRO A 49 -14.11 1.73 3.13
C PRO A 49 -14.19 0.36 2.51
N VAL A 50 -14.17 0.24 1.17
CA VAL A 50 -14.42 -1.06 0.54
C VAL A 50 -13.54 -1.35 -0.67
N SER A 51 -12.99 -0.31 -1.31
CA SER A 51 -12.34 -0.52 -2.61
C SER A 51 -11.30 0.56 -2.85
N ILE A 52 -10.04 0.15 -2.89
CA ILE A 52 -8.92 1.06 -3.16
C ILE A 52 -8.59 0.97 -4.64
N SER A 53 -8.44 2.13 -5.29
CA SER A 53 -8.04 2.17 -6.70
C SER A 53 -7.30 3.47 -6.92
N GLU A 54 -6.00 3.39 -7.23
CA GLU A 54 -5.20 4.59 -7.32
C GLU A 54 -4.10 4.41 -8.36
N THR A 55 -3.74 5.50 -9.02
CA THR A 55 -2.51 5.61 -9.78
C THR A 55 -1.52 6.47 -9.01
N LEU A 56 -0.29 6.00 -8.89
CA LEU A 56 0.83 6.82 -8.43
C LEU A 56 1.67 7.14 -9.66
N ASP A 57 1.59 8.38 -10.13
CA ASP A 57 2.31 8.81 -11.31
C ASP A 57 3.78 9.00 -10.98
N TYR A 58 4.57 9.30 -12.01
CA TYR A 58 6.01 9.47 -11.82
C TYR A 58 6.31 10.55 -10.78
N ASP A 59 5.60 11.67 -10.85
CA ASP A 59 5.85 12.75 -9.89
C ASP A 59 5.44 12.37 -8.47
N ASP A 60 4.59 11.36 -8.31
CA ASP A 60 4.24 10.85 -6.99
C ASP A 60 5.29 9.89 -6.45
N LEU A 61 6.09 9.28 -7.32
CA LEU A 61 7.02 8.24 -6.89
C LEU A 61 8.45 8.73 -6.71
N ILE A 62 8.79 9.90 -7.26
CA ILE A 62 10.13 10.45 -7.07
C ILE A 62 10.18 11.24 -5.77
N ASN A 63 11.39 11.47 -5.28
CA ASN A 63 11.59 12.21 -4.03
C ASN A 63 11.31 13.68 -4.29
N ASN A 64 10.27 14.23 -3.66
CA ASN A 64 9.88 15.62 -3.88
C ASN A 64 10.38 16.56 -2.78
N VAL A 65 11.19 16.06 -1.86
CA VAL A 65 11.80 16.89 -0.82
C VAL A 65 13.28 17.16 -1.10
N ASN A 66 14.05 16.11 -1.32
CA ASN A 66 15.43 16.24 -1.77
C ASN A 66 15.35 16.09 -3.29
N ARG A 67 15.12 17.20 -3.98
CA ARG A 67 14.75 17.17 -5.39
C ARG A 67 15.93 17.43 -6.32
N ALA A 75 12.72 20.67 -16.78
CA ALA A 75 12.45 19.26 -16.55
C ALA A 75 12.17 18.51 -17.85
N ILE A 76 11.65 19.21 -18.84
CA ILE A 76 11.23 18.56 -20.08
C ILE A 76 12.43 17.95 -20.81
N TYR A 77 13.63 18.51 -20.61
CA TYR A 77 14.81 17.95 -21.27
C TYR A 77 15.05 16.52 -20.85
N TYR A 78 14.80 16.20 -19.58
CA TYR A 78 14.88 14.84 -19.08
C TYR A 78 13.59 14.05 -19.37
N ARG A 79 12.43 14.68 -19.13
CA ARG A 79 11.17 13.97 -19.31
C ARG A 79 10.99 13.45 -20.74
N GLU A 80 11.43 14.22 -21.73
CA GLU A 80 11.29 13.76 -23.11
C GLU A 80 12.09 12.50 -23.36
N GLY A 81 13.22 12.32 -22.64
CA GLY A 81 14.03 11.14 -22.79
C GLY A 81 13.42 9.89 -22.19
N ILE A 82 12.53 10.02 -21.22
CA ILE A 82 11.78 8.87 -20.72
C ILE A 82 10.39 8.79 -21.33
N THR A 83 10.03 9.71 -22.22
CA THR A 83 8.79 9.63 -22.98
C THR A 83 8.95 8.80 -24.26
N GLY A 84 9.99 9.09 -25.04
CA GLY A 84 10.27 8.33 -26.23
C GLY A 84 11.72 7.93 -26.29
N ASN A 85 11.98 6.85 -27.02
CA ASN A 85 13.34 6.30 -27.10
C ASN A 85 14.29 7.30 -27.75
N ASP A 86 15.37 7.63 -27.04
CA ASP A 86 16.43 8.50 -27.55
C ASP A 86 15.94 9.92 -27.85
N ALA A 87 14.84 10.34 -27.23
CA ALA A 87 14.25 11.65 -27.50
C ALA A 87 14.64 12.69 -26.47
N GLY A 88 15.56 12.38 -25.56
CA GLY A 88 15.92 13.32 -24.53
C GLY A 88 16.95 14.35 -24.97
N ASP A 89 17.04 15.40 -24.17
CA ASP A 89 18.06 16.43 -24.36
C ASP A 89 18.66 16.80 -23.02
N SER A 90 19.07 15.78 -22.26
CA SER A 90 19.55 15.93 -20.90
C SER A 90 20.90 15.26 -20.77
N ILE A 91 21.82 15.92 -20.06
CA ILE A 91 23.10 15.28 -19.74
C ILE A 91 22.99 14.32 -18.56
N ILE A 92 21.83 14.28 -17.90
CA ILE A 92 21.59 13.36 -16.79
C ILE A 92 20.87 12.13 -17.35
N ASP A 93 21.53 10.97 -17.22
CA ASP A 93 20.93 9.72 -17.72
C ASP A 93 19.80 9.26 -16.82
N LYS A 94 20.05 9.25 -15.51
CA LYS A 94 19.04 8.77 -14.56
C LYS A 94 18.96 9.71 -13.38
N ALA A 95 17.76 10.17 -13.06
CA ALA A 95 17.58 11.16 -12.00
C ALA A 95 17.88 10.54 -10.65
N TYR A 96 18.67 11.25 -9.83
CA TYR A 96 18.97 10.81 -8.48
C TYR A 96 17.71 10.52 -7.68
N CYS A 97 16.64 11.29 -7.92
N CYS A 97 16.65 11.28 -7.93
CA CYS A 97 15.46 11.23 -7.05
CA CYS A 97 15.45 11.27 -7.09
C CYS A 97 14.49 10.12 -7.43
C CYS A 97 14.53 10.07 -7.36
N GLU A 98 14.82 9.28 -8.38
CA GLU A 98 13.98 8.13 -8.65
C GLU A 98 14.19 7.07 -7.57
N PRO A 99 13.13 6.40 -7.14
CA PRO A 99 13.24 5.51 -5.97
C PRO A 99 14.08 4.28 -6.25
N VAL A 100 14.77 3.81 -5.21
CA VAL A 100 15.57 2.60 -5.31
C VAL A 100 14.69 1.37 -5.12
N SER A 101 13.83 1.38 -4.11
CA SER A 101 13.04 0.21 -3.80
C SER A 101 11.68 0.67 -3.29
N PHE A 102 10.79 -0.30 -3.14
CA PHE A 102 9.46 -0.04 -2.64
C PHE A 102 9.08 -1.13 -1.65
N MET A 103 8.11 -0.81 -0.79
N MET A 103 8.08 -0.81 -0.83
CA MET A 103 7.37 -1.83 -0.07
CA MET A 103 7.38 -1.80 -0.02
C MET A 103 5.90 -1.49 -0.11
C MET A 103 5.89 -1.48 -0.10
N ILE A 104 5.08 -2.48 -0.40
CA ILE A 104 3.63 -2.36 -0.36
C ILE A 104 3.17 -3.04 0.92
N VAL A 105 2.42 -2.31 1.75
CA VAL A 105 1.81 -2.87 2.95
C VAL A 105 0.31 -2.80 2.77
N ALA A 106 -0.34 -3.96 2.72
CA ALA A 106 -1.79 -4.06 2.64
C ALA A 106 -2.28 -4.47 4.02
N CYS A 107 -3.16 -3.66 4.61
CA CYS A 107 -3.59 -3.93 5.98
C CYS A 107 -5.04 -3.48 6.15
N GLY A 108 -5.56 -3.68 7.35
CA GLY A 108 -6.99 -3.68 7.48
C GLY A 108 -7.54 -4.92 6.80
N ASP A 109 -8.85 -4.90 6.58
CA ASP A 109 -9.57 -6.07 6.07
C ASP A 109 -9.39 -6.30 4.58
N VAL A 110 -8.17 -6.19 4.06
CA VAL A 110 -7.96 -6.39 2.64
C VAL A 110 -8.19 -7.86 2.30
N ASP A 111 -8.77 -8.11 1.12
CA ASP A 111 -8.71 -9.43 0.52
C ASP A 111 -7.48 -9.40 -0.36
N ILE A 112 -6.38 -9.97 0.13
CA ILE A 112 -5.13 -9.93 -0.63
C ILE A 112 -5.29 -10.60 -1.99
N GLN A 113 -6.23 -11.52 -2.13
CA GLN A 113 -6.45 -12.18 -3.41
C GLN A 113 -6.94 -11.23 -4.49
N THR A 114 -7.44 -10.05 -4.12
CA THR A 114 -7.92 -9.08 -5.09
C THR A 114 -6.89 -8.00 -5.40
N ILE A 115 -5.72 -8.05 -4.78
CA ILE A 115 -4.75 -6.97 -4.96
C ILE A 115 -4.14 -7.02 -6.36
N GLU A 116 -3.83 -5.84 -6.88
CA GLU A 116 -3.02 -5.70 -8.09
C GLU A 116 -2.02 -4.58 -7.86
N VAL A 117 -0.76 -4.85 -8.17
CA VAL A 117 0.29 -3.84 -8.14
C VAL A 117 0.92 -3.88 -9.53
N ASN A 118 0.57 -2.90 -10.36
CA ASN A 118 0.96 -2.87 -11.77
C ASN A 118 1.94 -1.71 -11.93
N ILE A 119 3.23 -2.04 -12.02
CA ILE A 119 4.29 -1.05 -12.15
C ILE A 119 4.71 -0.98 -13.62
N GLN A 120 4.64 0.23 -14.17
CA GLN A 120 5.04 0.47 -15.55
C GLN A 120 6.15 1.50 -15.60
N GLY A 121 6.65 1.76 -16.80
CA GLY A 121 7.53 2.87 -17.04
C GLY A 121 6.78 4.19 -17.09
N TYR A 122 7.50 5.22 -17.52
CA TYR A 122 6.99 6.59 -17.45
C TYR A 122 5.69 6.75 -18.23
N ASP A 123 5.53 6.05 -19.35
CA ASP A 123 4.37 6.25 -20.20
C ASP A 123 3.13 5.47 -19.77
N GLU A 124 3.24 4.59 -18.76
CA GLU A 124 2.12 3.80 -18.23
C GLU A 124 1.57 2.78 -19.22
N ILE A 125 2.24 2.52 -20.33
CA ILE A 125 1.69 1.70 -21.40
C ILE A 125 2.34 0.33 -21.37
N GLU A 126 1.55 -0.69 -21.05
CA GLU A 126 2.07 -2.05 -20.98
C GLU A 126 2.28 -2.60 -22.38
N GLY A 127 3.35 -3.34 -22.57
CA GLY A 127 3.56 -4.03 -23.83
C GLY A 127 4.08 -3.12 -24.94
N VAL A 128 3.90 -3.60 -26.17
CA VAL A 128 4.54 -2.98 -27.33
C VAL A 128 3.75 -1.81 -27.92
N GLY A 129 2.44 -1.74 -27.68
CA GLY A 129 1.63 -0.63 -28.13
C GLY A 129 0.30 -0.62 -27.41
N ILE A 130 -0.37 0.53 -27.44
CA ILE A 130 -1.56 0.71 -26.63
C ILE A 130 -2.66 -0.28 -26.98
N LEU A 131 -2.79 -0.64 -28.25
CA LEU A 131 -3.87 -1.54 -28.62
C LEU A 131 -3.59 -2.98 -28.25
N ASP A 132 -2.35 -3.28 -27.84
CA ASP A 132 -1.98 -4.60 -27.39
C ASP A 132 -1.78 -4.68 -25.89
N SER A 133 -1.86 -3.55 -25.19
CA SER A 133 -1.67 -3.56 -23.75
C SER A 133 -2.68 -4.48 -23.08
N ASN A 134 -2.22 -5.21 -22.07
CA ASN A 134 -3.09 -6.03 -21.25
C ASN A 134 -3.42 -5.30 -19.97
N VAL A 135 -4.69 -5.37 -19.58
CA VAL A 135 -5.13 -4.75 -18.32
C VAL A 135 -4.47 -5.42 -17.11
N THR A 136 -4.16 -6.70 -17.21
CA THR A 136 -3.53 -7.45 -16.12
C THR A 136 -2.31 -8.18 -16.64
N PRO A 137 -1.16 -7.52 -16.72
CA PRO A 137 0.07 -8.25 -17.03
C PRO A 137 0.39 -9.22 -15.91
N PRO A 138 1.06 -10.34 -16.22
CA PRO A 138 1.28 -11.36 -15.18
C PRO A 138 1.92 -10.84 -13.92
N TYR A 139 2.88 -9.92 -14.04
CA TYR A 139 3.56 -9.39 -12.86
C TYR A 139 2.67 -8.50 -12.00
N ALA A 140 1.48 -8.14 -12.49
CA ALA A 140 0.55 -7.35 -11.69
C ALA A 140 -0.28 -8.22 -10.75
N ILE A 141 -0.33 -9.52 -10.99
CA ILE A 141 -1.08 -10.46 -10.15
C ILE A 141 -0.19 -10.85 -8.98
N THR A 142 0.01 -9.91 -8.05
CA THR A 142 1.05 -10.04 -7.03
C THR A 142 0.57 -10.74 -5.76
N ALA A 143 -0.70 -11.13 -5.67
CA ALA A 143 -1.27 -11.63 -4.42
C ALA A 143 -0.39 -12.69 -3.76
N THR A 144 -0.03 -13.73 -4.51
CA THR A 144 0.72 -14.84 -3.92
C THR A 144 2.15 -14.47 -3.55
N LYS A 145 2.67 -13.36 -4.04
CA LYS A 145 4.02 -12.95 -3.73
C LYS A 145 4.10 -12.08 -2.47
N PHE A 146 2.97 -11.63 -1.94
CA PHE A 146 2.99 -10.95 -0.66
C PHE A 146 3.34 -11.94 0.45
N GLU A 147 3.99 -11.41 1.48
CA GLU A 147 4.27 -12.18 2.69
C GLU A 147 3.17 -11.88 3.70
N ARG A 148 2.58 -12.93 4.27
CA ARG A 148 1.50 -12.79 5.23
C ARG A 148 2.10 -12.67 6.62
N LYS A 149 1.95 -11.50 7.24
CA LYS A 149 2.47 -11.21 8.57
C LYS A 149 1.34 -11.24 9.58
N THR A 150 1.62 -11.76 10.77
CA THR A 150 0.64 -11.78 11.84
C THR A 150 1.19 -11.08 13.07
N SER A 151 0.32 -10.36 13.78
CA SER A 151 0.67 -9.70 15.03
C SER A 151 -0.52 -9.89 15.96
N GLY A 152 -0.47 -10.95 16.76
CA GLY A 152 -1.65 -11.32 17.53
C GLY A 152 -2.74 -11.75 16.57
N GLY A 153 -3.94 -11.20 16.77
CA GLY A 153 -5.02 -11.48 15.84
C GLY A 153 -5.01 -10.68 14.57
N TYR A 154 -4.12 -9.70 14.46
CA TYR A 154 -4.01 -8.89 13.26
C TYR A 154 -3.24 -9.64 12.18
N ILE A 155 -3.66 -9.41 10.94
CA ILE A 155 -3.03 -9.97 9.75
C ILE A 155 -2.75 -8.83 8.78
N PHE A 156 -1.54 -8.81 8.21
CA PHE A 156 -1.24 -7.85 7.15
C PHE A 156 -0.31 -8.50 6.15
N TYR A 157 -0.06 -7.80 5.05
CA TYR A 157 0.65 -8.38 3.91
C TYR A 157 1.68 -7.39 3.41
N THR A 158 2.88 -7.87 3.10
CA THR A 158 3.95 -7.02 2.57
C THR A 158 4.47 -7.57 1.26
N TYR A 159 4.86 -6.66 0.37
CA TYR A 159 5.52 -7.02 -0.87
C TYR A 159 6.57 -5.95 -1.13
N CYS A 160 7.82 -6.38 -1.30
N CYS A 160 7.83 -6.35 -1.28
CA CYS A 160 8.96 -5.49 -1.48
CA CYS A 160 8.88 -5.38 -1.52
C CYS A 160 9.64 -5.81 -2.80
C CYS A 160 9.73 -5.81 -2.71
N GLY A 161 10.40 -4.84 -3.29
CA GLY A 161 11.22 -5.09 -4.47
C GLY A 161 11.98 -3.85 -4.87
N LEU A 162 12.80 -4.02 -5.91
CA LEU A 162 13.64 -2.95 -6.45
C LEU A 162 13.04 -2.44 -7.74
N PHE A 163 13.15 -1.13 -7.95
CA PHE A 163 12.73 -0.54 -9.23
C PHE A 163 13.75 -0.75 -10.33
N GLY A 164 15.04 -0.69 -9.99
CA GLY A 164 16.07 -0.99 -10.96
C GLY A 164 16.50 0.20 -11.78
N HIS A 165 17.23 -0.12 -12.85
CA HIS A 165 17.87 0.90 -13.69
C HIS A 165 17.37 0.84 -15.13
N GLY A 166 16.20 0.22 -15.35
CA GLY A 166 15.59 0.17 -16.66
C GLY A 166 14.32 1.01 -16.72
N ASP A 167 13.36 0.61 -17.56
CA ASP A 167 12.13 1.39 -17.72
C ASP A 167 11.42 1.62 -16.39
N ARG A 168 11.35 0.60 -15.53
CA ARG A 168 10.64 0.77 -14.27
C ARG A 168 11.45 1.55 -13.24
N GLY A 169 12.69 1.91 -13.56
CA GLY A 169 13.40 2.92 -12.81
C GLY A 169 12.85 4.32 -12.98
N HIS A 170 11.91 4.51 -13.90
CA HIS A 170 11.16 5.75 -14.06
C HIS A 170 9.69 5.36 -13.87
N PRO A 171 9.30 5.02 -12.65
CA PRO A 171 8.10 4.21 -12.46
C PRO A 171 6.79 5.00 -12.45
N THR A 172 5.73 4.28 -12.81
CA THR A 172 4.35 4.61 -12.50
C THR A 172 3.68 3.34 -11.98
N MET A 173 2.64 3.51 -11.18
CA MET A 173 2.04 2.39 -10.47
C MET A 173 0.53 2.52 -10.45
N ALA A 174 -0.17 1.44 -10.78
CA ALA A 174 -1.60 1.32 -10.49
C ALA A 174 -1.77 0.28 -9.38
N VAL A 175 -2.52 0.62 -8.34
CA VAL A 175 -2.74 -0.24 -7.19
C VAL A 175 -4.23 -0.29 -6.88
N GLY A 176 -4.74 -1.49 -6.66
CA GLY A 176 -6.14 -1.64 -6.29
C GLY A 176 -6.33 -2.89 -5.46
N VAL A 177 -7.31 -2.86 -4.57
CA VAL A 177 -7.63 -4.01 -3.72
C VAL A 177 -9.03 -3.82 -3.15
N GLU A 178 -9.71 -4.91 -2.87
CA GLU A 178 -11.05 -4.89 -2.30
C GLU A 178 -11.01 -5.28 -0.83
N LYS A 179 -12.02 -4.83 -0.09
CA LYS A 179 -12.23 -5.33 1.26
C LYS A 179 -12.71 -6.77 1.19
N LYS A 180 -12.15 -7.61 2.04
CA LYS A 180 -12.58 -9.00 2.12
C LYS A 180 -14.07 -9.10 2.45
N ASN A 181 -14.78 -9.91 1.67
CA ASN A 181 -16.18 -10.22 1.93
C ASN A 181 -16.30 -11.72 2.16
N ARG A 182 -16.51 -12.10 3.42
CA ARG A 182 -16.61 -13.51 3.79
C ARG A 182 -18.00 -14.08 3.57
N ASN A 183 -18.93 -13.28 3.09
CA ASN A 183 -20.31 -13.73 2.88
C ASN A 183 -20.75 -13.23 1.51
N ALA A 184 -22.06 -13.30 1.25
CA ALA A 184 -22.53 -13.20 -0.12
C ALA A 184 -23.08 -11.85 -0.52
N PHE A 185 -23.46 -11.00 0.43
CA PHE A 185 -24.05 -9.71 0.08
C PHE A 185 -22.94 -8.76 -0.34
N GLY A 186 -22.89 -8.43 -1.62
CA GLY A 186 -21.78 -7.65 -2.13
C GLY A 186 -21.83 -6.21 -1.63
N ARG A 187 -20.64 -5.67 -1.39
CA ARG A 187 -20.59 -4.27 -0.93
C ARG A 187 -20.89 -3.30 -2.06
N MET A 188 -20.95 -3.78 -3.31
CA MET A 188 -21.56 -3.02 -4.40
C MET A 188 -22.80 -3.69 -4.98
N HIS A 189 -23.49 -4.51 -4.21
CA HIS A 189 -24.83 -4.95 -4.56
C HIS A 189 -25.73 -3.73 -4.73
N PRO A 190 -26.76 -3.81 -5.60
CA PRO A 190 -27.64 -2.65 -5.82
C PRO A 190 -28.19 -1.98 -4.57
N MET A 191 -28.44 -2.73 -3.50
CA MET A 191 -28.98 -2.15 -2.27
C MET A 191 -27.91 -1.43 -1.45
N TYR A 192 -26.65 -1.54 -1.85
CA TYR A 192 -25.53 -0.97 -1.11
C TYR A 192 -24.70 -0.04 -1.99
N VAL A 193 -24.72 -0.23 -3.32
CA VAL A 193 -23.76 0.41 -4.21
C VAL A 193 -23.71 1.92 -4.02
N ALA A 194 -24.87 2.58 -3.94
CA ALA A 194 -24.86 4.05 -3.90
C ALA A 194 -24.15 4.57 -2.66
N ALA A 195 -24.28 3.85 -1.54
CA ALA A 195 -23.64 4.31 -0.31
C ALA A 195 -22.14 4.19 -0.38
N ASN A 196 -21.63 3.19 -1.08
CA ASN A 196 -20.19 3.07 -1.21
C ASN A 196 -19.65 3.92 -2.37
N TYR A 197 -20.44 4.08 -3.43
CA TYR A 197 -20.05 4.98 -4.52
C TYR A 197 -19.88 6.41 -4.01
N LYS A 198 -20.73 6.83 -3.07
CA LYS A 198 -20.60 8.14 -2.44
C LYS A 198 -19.28 8.28 -1.69
N ARG A 199 -18.62 7.17 -1.38
CA ARG A 199 -17.36 7.20 -0.65
C ARG A 199 -16.19 6.74 -1.51
N ARG A 200 -16.33 6.83 -2.83
CA ARG A 200 -15.27 6.37 -3.71
C ARG A 200 -13.98 7.16 -3.52
N ASN A 201 -14.07 8.40 -3.04
CA ASN A 201 -12.91 9.24 -2.81
C ASN A 201 -12.69 9.54 -1.34
N PHE A 202 -13.13 8.65 -0.45
CA PHE A 202 -12.81 8.70 0.98
C PHE A 202 -11.77 7.63 1.20
N TRP A 203 -10.48 7.99 1.09
CA TRP A 203 -9.88 9.30 0.91
C TRP A 203 -8.99 9.28 -0.31
N ALA A 204 -8.77 10.44 -0.92
CA ALA A 204 -7.79 10.52 -2.00
C ALA A 204 -6.40 10.19 -1.47
N LYS A 205 -5.54 9.75 -2.39
CA LYS A 205 -4.19 9.37 -1.99
C LYS A 205 -3.49 10.52 -1.26
N LYS A 206 -2.72 10.16 -0.23
CA LYS A 206 -2.14 11.11 0.70
C LYS A 206 -0.69 10.73 0.93
N ASP A 207 0.22 11.70 0.90
CA ASP A 207 1.63 11.39 1.02
C ASP A 207 2.31 12.18 2.13
N TRP A 208 3.43 11.62 2.60
CA TRP A 208 4.34 12.22 3.56
C TRP A 208 5.76 11.87 3.16
N TRP A 209 6.72 12.53 3.81
CA TRP A 209 8.13 12.24 3.59
C TRP A 209 8.86 12.27 4.92
N PHE A 210 9.86 11.40 5.07
CA PHE A 210 10.62 11.25 6.30
C PHE A 210 12.11 11.14 6.00
N PRO A 211 12.96 11.74 6.83
CA PRO A 211 14.40 11.74 6.53
C PRO A 211 15.05 10.36 6.59
N THR A 212 14.61 9.48 7.48
CA THR A 212 15.10 8.11 7.53
C THR A 212 13.97 7.17 7.91
N GLU A 213 14.18 5.88 7.66
CA GLU A 213 13.22 4.88 8.10
C GLU A 213 13.07 4.87 9.61
N GLY A 214 14.19 4.94 10.34
CA GLY A 214 14.12 4.90 11.79
C GLY A 214 13.32 6.05 12.36
N GLN A 215 13.49 7.25 11.81
CA GLN A 215 12.71 8.39 12.26
C GLN A 215 11.24 8.25 11.85
N MET A 216 10.98 7.74 10.64
CA MET A 216 9.61 7.41 10.25
C MET A 216 8.96 6.44 11.22
N VAL A 217 9.68 5.42 11.67
CA VAL A 217 9.08 4.43 12.55
C VAL A 217 8.65 5.09 13.86
N GLU A 218 9.49 5.96 14.41
CA GLU A 218 9.16 6.59 15.68
C GLU A 218 8.04 7.60 15.53
N GLN A 219 8.09 8.42 14.48
CA GLN A 219 7.22 9.59 14.38
C GLN A 219 5.92 9.31 13.63
N PHE A 220 5.80 8.16 12.98
CA PHE A 220 4.65 7.93 12.11
C PHE A 220 4.14 6.49 12.20
N ILE A 221 5.00 5.53 11.94
CA ILE A 221 4.58 4.13 11.98
C ILE A 221 4.05 3.78 13.36
N LYS A 222 4.82 4.11 14.40
CA LYS A 222 4.36 3.83 15.75
C LYS A 222 3.21 4.74 16.16
N GLN A 223 3.28 6.02 15.81
CA GLN A 223 2.25 6.97 16.27
C GLN A 223 0.88 6.65 15.68
N GLN A 224 0.84 6.23 14.42
CA GLN A 224 -0.41 5.88 13.77
C GLN A 224 -0.73 4.38 13.85
N SER A 225 0.12 3.60 14.50
CA SER A 225 -0.05 2.15 14.64
C SER A 225 -0.31 1.48 13.29
N ILE A 226 0.55 1.82 12.32
CA ILE A 226 0.52 1.26 10.98
C ILE A 226 1.40 0.01 10.98
N PRO A 227 0.90 -1.16 10.56
CA PRO A 227 1.77 -2.34 10.47
C PRO A 227 2.89 -2.10 9.47
N TYR A 228 4.09 -2.59 9.80
CA TYR A 228 5.27 -2.25 9.03
C TYR A 228 6.35 -3.31 9.28
N VAL A 229 7.28 -3.40 8.33
CA VAL A 229 8.48 -4.23 8.47
C VAL A 229 9.68 -3.39 8.07
N THR A 230 10.68 -3.32 8.95
CA THR A 230 11.84 -2.49 8.66
C THR A 230 12.78 -3.18 7.68
N ALA A 231 13.80 -2.44 7.24
CA ALA A 231 14.78 -2.99 6.31
C ALA A 231 15.52 -4.19 6.89
N ASP A 232 15.77 -4.19 8.20
CA ASP A 232 16.42 -5.36 8.78
C ASP A 232 15.43 -6.47 9.12
N ASN A 233 14.18 -6.37 8.65
CA ASN A 233 13.15 -7.41 8.79
C ASN A 233 12.54 -7.49 10.18
N VAL A 234 12.39 -6.36 10.86
CA VAL A 234 11.72 -6.31 12.17
C VAL A 234 10.29 -5.83 11.96
N MET A 235 9.33 -6.58 12.51
CA MET A 235 7.92 -6.19 12.48
C MET A 235 7.69 -5.06 13.47
N ILE A 236 7.16 -3.94 12.98
CA ILE A 236 6.65 -2.86 13.81
C ILE A 236 5.14 -2.83 13.59
N ALA A 237 4.37 -3.33 14.56
CA ALA A 237 2.93 -3.39 14.38
C ALA A 237 2.27 -3.48 15.75
N PRO A 238 1.08 -2.93 15.91
CA PRO A 238 0.31 -3.21 17.12
C PRO A 238 0.00 -4.70 17.21
N CYS A 239 -0.20 -5.17 18.42
CA CYS A 239 -0.50 -6.58 18.67
C CYS A 239 -1.72 -6.65 19.58
N VAL A 240 -2.78 -7.29 19.11
CA VAL A 240 -3.96 -7.56 19.93
C VAL A 240 -4.07 -9.08 20.03
N ARG A 241 -3.80 -9.62 21.22
CA ARG A 241 -3.89 -11.05 21.43
C ARG A 241 -5.34 -11.52 21.31
N GLU A 242 -5.52 -12.70 20.72
CA GLU A 242 -6.85 -13.23 20.46
C GLU A 242 -7.57 -13.55 21.77
N ILE A 243 -8.85 -13.19 21.81
CA ILE A 243 -9.73 -13.51 22.94
C ILE A 243 -10.88 -14.35 22.40
N ARG A 244 -11.09 -15.53 23.01
CA ARG A 244 -12.22 -16.36 22.63
C ARG A 244 -12.51 -17.30 23.78
N HIS A 245 -13.80 -17.54 24.01
CA HIS A 245 -14.26 -18.35 25.14
C HIS A 245 -14.35 -19.83 24.77
N HIS A 246 -14.12 -20.18 23.51
CA HIS A 246 -14.24 -21.56 23.07
C HIS A 246 -13.18 -21.80 22.01
N ALA A 247 -12.87 -23.07 21.80
CA ALA A 247 -11.86 -23.44 20.81
C ALA A 247 -12.28 -22.96 19.42
N HIS A 248 -11.28 -22.74 18.58
CA HIS A 248 -11.45 -22.36 17.19
C HIS A 248 -10.85 -23.46 16.33
N TYR A 249 -11.51 -23.78 15.21
CA TYR A 249 -10.97 -24.78 14.31
C TYR A 249 -9.59 -24.34 13.83
PG GTP B . 19.95 -2.97 -15.93
O1G GTP B . 18.56 -3.38 -16.35
O2G GTP B . 20.37 -1.73 -16.67
O3G GTP B . 20.92 -4.09 -16.23
O3B GTP B . 19.97 -2.69 -14.33
PB GTP B . 18.87 -3.35 -13.37
O1B GTP B . 19.42 -3.46 -11.96
O2B GTP B . 17.63 -2.50 -13.39
O3A GTP B . 18.67 -4.79 -14.08
PA GTP B . 17.76 -6.05 -13.62
O1A GTP B . 17.90 -6.33 -12.14
O2A GTP B . 18.14 -7.25 -14.44
O5' GTP B . 16.24 -5.66 -13.97
C5' GTP B . 15.54 -4.61 -13.34
C4' GTP B . 15.09 -3.67 -14.44
O4' GTP B . 14.90 -4.42 -15.63
C3' GTP B . 13.80 -2.92 -14.17
O3' GTP B . 14.10 -1.55 -14.04
C2' GTP B . 12.94 -3.17 -15.40
O2' GTP B . 12.41 -1.95 -15.87
C1' GTP B . 13.93 -3.75 -16.41
N9 GTP B . 13.37 -4.68 -17.42
C8 GTP B . 13.79 -4.69 -18.73
N7 GTP B . 13.10 -5.63 -19.40
C5 GTP B . 12.25 -6.23 -18.54
C6 GTP B . 11.33 -7.25 -18.73
O6 GTP B . 11.20 -7.76 -19.84
N1 GTP B . 10.57 -7.68 -17.66
C2 GTP B . 10.73 -7.10 -16.42
N2 GTP B . 9.99 -7.52 -15.40
N3 GTP B . 11.65 -6.08 -16.24
C4 GTP B . 12.41 -5.65 -17.29
MG MG C . 16.31 -3.05 -16.37
#